data_6KDD
#
_entry.id   6KDD
#
_cell.length_a   50.138
_cell.length_b   54.895
_cell.length_c   128.166
_cell.angle_alpha   90.000
_cell.angle_beta   90.000
_cell.angle_gamma   90.000
#
_symmetry.space_group_name_H-M   'P 21 21 21'
#
loop_
_entity.id
_entity.type
_entity.pdbx_description
1 polymer Endoglucanase
2 non-polymer 'NICKEL (II) ION'
3 non-polymer GLYCEROL
4 non-polymer 2-AMINO-2-HYDROXYMETHYL-PROPANE-1,3-DIOL
5 water water
#
_entity_poly.entity_id   1
_entity_poly.type   'polypeptide(L)'
_entity_poly.pdbx_seq_one_letter_code
;MDQSVAESDSNSALEYNKIIGKGVNIGNALEAPFEGAWGVRIEDEYFEIIKKRGFDSVRIPIRWSAHISEKPPYDIDRNF
LERVKHVVDRALENNLTVIINTHHFEELYQEPDKYGNVLVEIWRQIAKFFKDYPENLFFEIYNEPAQNLTAEKWNELYPK
VLKVIRESNPTRIVIIDAPNWAHYSAVRSLKLVNDKRIIVSFHYYEPFNFTHQGAEWVNPTPPVGVKWNGEEWEINQIRS
HFKYVSDWAKQNKVPIFLGEFGAYSKADMDSRVKWTESVRKMAEEFGFSYAYWEFCAGFGIYDRWSQNWIEPLATAVVGE
SKE
;
_entity_poly.pdbx_strand_id   A
#
# COMPACT_ATOMS: atom_id res chain seq x y z
N SER A 12 13.25 16.80 3.98
CA SER A 12 12.56 16.32 5.18
C SER A 12 11.55 15.23 4.83
N ALA A 13 10.93 15.29 3.63
CA ALA A 13 10.10 14.21 3.13
C ALA A 13 10.91 12.90 3.13
N LEU A 14 12.22 13.03 2.83
CA LEU A 14 13.08 11.86 2.73
C LEU A 14 13.26 11.27 4.13
N GLU A 15 13.27 12.13 5.15
CA GLU A 15 13.47 11.64 6.50
C GLU A 15 12.23 10.89 6.98
N TYR A 16 11.05 11.34 6.53
CA TYR A 16 9.76 10.68 6.79
C TYR A 16 9.69 9.29 6.11
N ASN A 17 10.16 9.23 4.86
CA ASN A 17 10.16 7.99 4.11
C ASN A 17 10.96 6.98 4.90
N LYS A 18 12.04 7.44 5.50
CA LYS A 18 12.85 6.55 6.32
C LYS A 18 12.08 6.00 7.53
N ILE A 19 11.01 6.65 8.01
CA ILE A 19 10.33 6.02 9.13
C ILE A 19 9.24 5.05 8.64
N ILE A 20 8.96 5.01 7.33
CA ILE A 20 8.26 3.86 6.78
C ILE A 20 9.17 2.65 6.89
N GLY A 21 10.41 2.78 6.35
CA GLY A 21 11.40 1.74 6.52
C GLY A 21 10.90 0.39 6.02
N LYS A 22 10.92 -0.61 6.90
CA LYS A 22 10.51 -1.97 6.61
C LYS A 22 9.04 -2.12 7.04
N GLY A 23 8.16 -2.47 6.08
CA GLY A 23 6.74 -2.39 6.35
C GLY A 23 5.99 -3.63 5.90
N VAL A 24 4.74 -3.76 6.40
CA VAL A 24 3.90 -4.85 5.94
C VAL A 24 2.46 -4.35 5.82
N ASN A 25 1.78 -4.83 4.79
CA ASN A 25 0.36 -4.54 4.66
C ASN A 25 -0.44 -5.48 5.56
N ILE A 26 -1.47 -4.96 6.23
CA ILE A 26 -2.46 -5.88 6.82
C ILE A 26 -3.61 -6.01 5.84
N GLY A 27 -3.52 -7.00 4.93
CA GLY A 27 -4.48 -7.11 3.84
C GLY A 27 -5.54 -8.17 4.13
N ASN A 28 -6.56 -8.20 3.23
CA ASN A 28 -7.70 -9.12 3.36
C ASN A 28 -8.53 -8.83 4.60
N ALA A 29 -8.50 -7.56 5.05
CA ALA A 29 -9.10 -7.18 6.31
C ALA A 29 -10.09 -6.04 6.06
N LEU A 30 -9.64 -4.76 6.22
CA LEU A 30 -10.61 -3.67 6.24
C LEU A 30 -10.93 -3.16 4.83
N GLU A 31 -10.23 -3.69 3.79
CA GLU A 31 -10.53 -3.28 2.42
C GLU A 31 -11.49 -4.25 1.75
N ALA A 32 -11.95 -5.26 2.50
CA ALA A 32 -13.01 -6.17 2.04
C ALA A 32 -14.33 -5.42 2.17
N PRO A 33 -15.48 -5.92 1.64
CA PRO A 33 -16.74 -5.17 1.78
C PRO A 33 -17.12 -4.98 3.25
N PHE A 34 -16.71 -5.91 4.12
CA PHE A 34 -16.71 -5.67 5.56
C PHE A 34 -15.55 -6.44 6.16
N GLU A 35 -15.17 -6.09 7.38
CA GLU A 35 -14.00 -6.73 8.02
C GLU A 35 -14.26 -8.20 8.32
N GLY A 36 -13.36 -9.06 7.84
CA GLY A 36 -13.43 -10.50 8.06
C GLY A 36 -13.99 -11.24 6.83
N ALA A 37 -14.70 -10.55 5.93
CA ALA A 37 -15.23 -11.20 4.75
C ALA A 37 -14.13 -11.91 3.95
N TRP A 38 -12.89 -11.36 3.96
CA TRP A 38 -11.86 -11.92 3.10
C TRP A 38 -10.84 -12.67 3.94
N GLY A 39 -11.16 -12.95 5.21
CA GLY A 39 -10.42 -13.99 5.91
C GLY A 39 -9.63 -13.43 7.09
N VAL A 40 -9.53 -12.09 7.22
CA VAL A 40 -8.69 -11.50 8.27
C VAL A 40 -9.47 -10.47 9.05
N ARG A 41 -9.42 -10.61 10.37
CA ARG A 41 -9.86 -9.56 11.27
C ARG A 41 -8.60 -9.09 12.01
N ILE A 42 -8.42 -7.76 12.12
CA ILE A 42 -7.16 -7.25 12.65
C ILE A 42 -7.19 -7.39 14.16
N GLU A 43 -6.36 -8.29 14.70
CA GLU A 43 -6.33 -8.50 16.14
C GLU A 43 -5.28 -7.56 16.73
N ASP A 44 -5.54 -7.04 17.93
CA ASP A 44 -4.64 -6.13 18.63
C ASP A 44 -3.22 -6.69 18.71
N GLU A 45 -3.12 -7.99 18.96
CA GLU A 45 -1.83 -8.63 19.16
C GLU A 45 -0.97 -8.61 17.90
N TYR A 46 -1.58 -8.44 16.71
CA TYR A 46 -0.76 -8.47 15.52
C TYR A 46 0.27 -7.35 15.54
N PHE A 47 -0.08 -6.17 16.06
CA PHE A 47 0.85 -5.06 16.00
C PHE A 47 2.07 -5.35 16.88
N GLU A 48 1.85 -6.00 18.02
CA GLU A 48 3.00 -6.34 18.88
C GLU A 48 3.91 -7.36 18.17
N ILE A 49 3.26 -8.37 17.59
CA ILE A 49 3.93 -9.43 16.81
C ILE A 49 4.80 -8.84 15.71
N ILE A 50 4.26 -7.87 14.93
CA ILE A 50 4.91 -7.27 13.77
C ILE A 50 6.07 -6.40 14.25
N LYS A 51 5.85 -5.65 15.35
CA LYS A 51 6.92 -4.77 15.81
C LYS A 51 8.08 -5.62 16.32
N LYS A 52 7.77 -6.69 17.08
CA LYS A 52 8.82 -7.51 17.69
C LYS A 52 9.61 -8.21 16.58
N ARG A 53 8.98 -8.53 15.46
CA ARG A 53 9.66 -9.18 14.33
C ARG A 53 10.67 -8.24 13.67
N GLY A 54 10.54 -6.91 13.82
CA GLY A 54 11.55 -6.03 13.23
C GLY A 54 11.00 -5.02 12.22
N PHE A 55 9.68 -4.97 12.04
CA PHE A 55 9.09 -4.02 11.10
C PHE A 55 9.07 -2.64 11.75
N ASP A 56 9.16 -1.61 10.90
CA ASP A 56 9.00 -0.20 11.25
C ASP A 56 7.57 0.29 11.08
N SER A 57 6.82 -0.32 10.15
CA SER A 57 5.58 0.32 9.73
C SER A 57 4.54 -0.72 9.30
N VAL A 58 3.27 -0.27 9.31
CA VAL A 58 2.16 -1.06 8.75
C VAL A 58 1.34 -0.19 7.82
N ARG A 59 0.84 -0.84 6.77
CA ARG A 59 -0.04 -0.14 5.85
C ARG A 59 -1.39 -0.82 5.94
N ILE A 60 -2.44 -0.01 6.08
CA ILE A 60 -3.76 -0.53 6.41
C ILE A 60 -4.72 -0.15 5.30
N PRO A 61 -4.98 -1.07 4.35
CA PRO A 61 -6.01 -0.85 3.34
C PRO A 61 -7.39 -0.75 3.95
N ILE A 62 -8.18 0.23 3.47
CA ILE A 62 -9.48 0.47 4.09
C ILE A 62 -10.46 0.91 2.98
N ARG A 63 -11.58 0.20 2.94
CA ARG A 63 -12.67 0.42 1.98
C ARG A 63 -13.72 1.33 2.63
N TRP A 64 -13.35 2.61 2.77
CA TRP A 64 -14.23 3.55 3.45
C TRP A 64 -15.54 3.67 2.68
N SER A 65 -15.45 3.55 1.35
CA SER A 65 -16.59 3.76 0.46
C SER A 65 -17.68 2.73 0.75
N ALA A 66 -17.39 1.68 1.50
CA ALA A 66 -18.45 0.75 1.86
C ALA A 66 -19.18 1.13 3.13
N HIS A 67 -18.79 2.25 3.75
CA HIS A 67 -19.34 2.56 5.07
C HIS A 67 -19.71 4.05 5.16
N ILE A 68 -20.24 4.62 4.06
CA ILE A 68 -20.60 6.02 3.94
C ILE A 68 -22.08 6.12 3.56
N SER A 69 -22.65 7.29 3.88
CA SER A 69 -23.96 7.68 3.39
C SER A 69 -23.93 7.92 1.88
N GLU A 70 -25.06 7.64 1.23
CA GLU A 70 -25.33 7.94 -0.18
C GLU A 70 -25.48 9.45 -0.41
N LYS A 71 -26.03 10.19 0.56
CA LYS A 71 -26.34 11.60 0.35
C LYS A 71 -25.15 12.45 0.77
N PRO A 72 -24.83 13.58 0.08
CA PRO A 72 -23.72 14.43 0.52
C PRO A 72 -24.01 14.80 1.98
N PRO A 73 -22.98 15.09 2.82
CA PRO A 73 -21.57 15.09 2.39
C PRO A 73 -20.91 13.73 2.63
N TYR A 74 -21.73 12.67 2.59
CA TYR A 74 -21.32 11.27 2.53
C TYR A 74 -20.64 10.87 3.84
N ASP A 75 -21.41 10.98 4.94
CA ASP A 75 -20.87 10.80 6.28
C ASP A 75 -20.39 9.37 6.41
N ILE A 76 -19.14 9.21 6.84
CA ILE A 76 -18.65 7.89 7.19
C ILE A 76 -19.42 7.48 8.43
N ASP A 77 -19.85 6.24 8.45
CA ASP A 77 -20.50 5.66 9.60
C ASP A 77 -19.59 5.81 10.84
N ARG A 78 -20.17 6.25 11.97
CA ARG A 78 -19.38 6.54 13.17
C ARG A 78 -18.72 5.29 13.75
N ASN A 79 -19.43 4.15 13.84
CA ASN A 79 -18.84 2.93 14.35
C ASN A 79 -17.67 2.43 13.48
N PHE A 80 -17.74 2.64 12.16
CA PHE A 80 -16.64 2.28 11.29
C PHE A 80 -15.43 3.17 11.65
N LEU A 81 -15.66 4.48 11.78
CA LEU A 81 -14.54 5.35 12.13
C LEU A 81 -13.89 4.91 13.43
N GLU A 82 -14.71 4.49 14.43
CA GLU A 82 -14.18 4.07 15.72
C GLU A 82 -13.37 2.79 15.62
N ARG A 83 -13.83 1.87 14.77
CA ARG A 83 -13.03 0.69 14.48
C ARG A 83 -11.68 1.06 13.85
N VAL A 84 -11.65 1.92 12.83
CA VAL A 84 -10.36 2.28 12.25
C VAL A 84 -9.53 3.00 13.33
N LYS A 85 -10.15 3.87 14.14
CA LYS A 85 -9.38 4.53 15.20
C LYS A 85 -8.70 3.52 16.13
N HIS A 86 -9.45 2.47 16.53
CA HIS A 86 -8.89 1.43 17.39
C HIS A 86 -7.65 0.78 16.80
N VAL A 87 -7.75 0.39 15.51
CA VAL A 87 -6.65 -0.26 14.81
C VAL A 87 -5.44 0.67 14.74
N VAL A 88 -5.67 1.89 14.25
CA VAL A 88 -4.60 2.88 14.16
C VAL A 88 -3.93 3.05 15.53
N ASP A 89 -4.76 3.19 16.59
CA ASP A 89 -4.28 3.44 17.94
C ASP A 89 -3.40 2.31 18.42
N ARG A 90 -3.85 1.04 18.21
CA ARG A 90 -3.03 -0.08 18.63
C ARG A 90 -1.67 -0.11 17.91
N ALA A 91 -1.66 0.21 16.61
CA ALA A 91 -0.42 0.24 15.86
C ALA A 91 0.52 1.34 16.38
N LEU A 92 -0.01 2.55 16.58
CA LEU A 92 0.79 3.66 17.10
C LEU A 92 1.33 3.37 18.51
N GLU A 93 0.55 2.68 19.36
CA GLU A 93 0.98 2.31 20.69
C GLU A 93 2.06 1.25 20.64
N ASN A 94 2.23 0.58 19.50
CA ASN A 94 3.34 -0.34 19.34
C ASN A 94 4.53 0.34 18.68
N ASN A 95 4.50 1.68 18.59
CA ASN A 95 5.54 2.52 17.99
C ASN A 95 5.79 2.11 16.54
N LEU A 96 4.72 1.76 15.80
CA LEU A 96 4.83 1.54 14.36
C LEU A 96 4.35 2.81 13.66
N THR A 97 5.00 3.14 12.53
CA THR A 97 4.47 4.10 11.59
C THR A 97 3.25 3.47 10.92
N VAL A 98 2.23 4.28 10.70
CA VAL A 98 0.96 3.76 10.19
C VAL A 98 0.56 4.54 8.94
N ILE A 99 0.21 3.81 7.90
CA ILE A 99 -0.34 4.40 6.70
C ILE A 99 -1.77 3.89 6.54
N ILE A 100 -2.70 4.85 6.46
CA ILE A 100 -4.08 4.52 6.13
C ILE A 100 -4.41 5.08 4.74
N ASN A 101 -5.20 4.31 4.00
CA ASN A 101 -5.55 4.74 2.66
C ASN A 101 -7.07 4.69 2.47
N THR A 102 -7.48 4.93 1.21
CA THR A 102 -8.76 4.47 0.72
C THR A 102 -8.45 3.42 -0.36
N HIS A 103 -9.24 2.35 -0.41
CA HIS A 103 -8.91 1.17 -1.20
C HIS A 103 -10.19 0.53 -1.70
N HIS A 104 -10.16 -0.02 -2.91
CA HIS A 104 -11.30 -0.76 -3.47
C HIS A 104 -12.57 0.11 -3.50
N PHE A 105 -12.44 1.35 -3.99
CA PHE A 105 -13.60 2.22 -4.20
C PHE A 105 -14.12 1.92 -5.61
N GLU A 106 -14.97 0.90 -5.73
CA GLU A 106 -15.27 0.29 -7.02
C GLU A 106 -15.89 1.31 -7.98
N GLU A 107 -16.83 2.16 -7.50
CA GLU A 107 -17.52 3.13 -8.37
C GLU A 107 -16.53 4.14 -8.95
N LEU A 108 -15.43 4.40 -8.20
CA LEU A 108 -14.50 5.42 -8.62
C LEU A 108 -13.72 4.93 -9.84
N TYR A 109 -13.48 3.61 -9.91
CA TYR A 109 -12.76 2.95 -11.00
C TYR A 109 -13.59 3.06 -12.28
N GLN A 110 -14.90 2.90 -12.16
CA GLN A 110 -15.77 2.89 -13.32
C GLN A 110 -16.13 4.32 -13.74
N GLU A 111 -16.49 5.16 -12.76
CA GLU A 111 -17.04 6.48 -13.01
C GLU A 111 -16.33 7.51 -12.15
N PRO A 112 -15.04 7.78 -12.40
CA PRO A 112 -14.29 8.77 -11.63
C PRO A 112 -14.85 10.20 -11.62
N ASP A 113 -15.40 10.65 -12.77
CA ASP A 113 -15.98 11.98 -12.86
C ASP A 113 -17.14 12.10 -11.87
N LYS A 114 -17.99 11.07 -11.83
CA LYS A 114 -19.10 11.01 -10.91
C LYS A 114 -18.64 10.91 -9.45
N TYR A 115 -17.58 10.13 -9.14
CA TYR A 115 -17.30 9.76 -7.75
C TYR A 115 -16.09 10.43 -7.14
N GLY A 116 -15.39 11.25 -7.93
CA GLY A 116 -14.23 12.01 -7.49
C GLY A 116 -14.55 12.83 -6.25
N ASN A 117 -15.77 13.41 -6.21
CA ASN A 117 -16.03 14.35 -5.12
C ASN A 117 -16.42 13.56 -3.85
N VAL A 118 -16.80 12.30 -4.02
CA VAL A 118 -17.02 11.45 -2.86
C VAL A 118 -15.68 11.12 -2.19
N LEU A 119 -14.67 10.75 -3.00
CA LEU A 119 -13.31 10.58 -2.48
C LEU A 119 -12.88 11.86 -1.75
N VAL A 120 -13.21 13.03 -2.31
CA VAL A 120 -12.79 14.28 -1.70
C VAL A 120 -13.38 14.39 -0.30
N GLU A 121 -14.66 14.03 -0.16
CA GLU A 121 -15.41 14.18 1.08
C GLU A 121 -15.00 13.12 2.10
N ILE A 122 -14.70 11.90 1.61
CA ILE A 122 -14.19 10.86 2.49
C ILE A 122 -12.94 11.40 3.16
N TRP A 123 -12.02 11.90 2.36
CA TRP A 123 -10.77 12.40 2.87
C TRP A 123 -10.97 13.63 3.76
N ARG A 124 -12.03 14.42 3.50
CA ARG A 124 -12.24 15.61 4.34
C ARG A 124 -12.49 15.13 5.77
N GLN A 125 -13.31 14.08 5.88
CA GLN A 125 -13.73 13.54 7.15
C GLN A 125 -12.57 12.85 7.86
N ILE A 126 -11.78 12.07 7.11
CA ILE A 126 -10.75 11.28 7.76
C ILE A 126 -9.72 12.27 8.28
N ALA A 127 -9.38 13.22 7.42
CA ALA A 127 -8.36 14.20 7.72
C ALA A 127 -8.76 14.98 8.97
N LYS A 128 -10.05 15.28 9.10
CA LYS A 128 -10.56 16.03 10.24
C LYS A 128 -10.48 15.16 11.50
N PHE A 129 -10.97 13.92 11.39
CA PHE A 129 -10.94 12.97 12.48
C PHE A 129 -9.53 12.75 13.03
N PHE A 130 -8.51 12.61 12.15
CA PHE A 130 -7.16 12.28 12.60
C PHE A 130 -6.24 13.51 12.68
N LYS A 131 -6.78 14.73 12.70
CA LYS A 131 -5.90 15.85 12.44
C LYS A 131 -4.87 15.99 13.56
N ASP A 132 -5.25 15.60 14.78
CA ASP A 132 -4.44 15.86 15.96
C ASP A 132 -3.50 14.70 16.24
N TYR A 133 -3.49 13.68 15.35
CA TYR A 133 -2.66 12.50 15.52
C TYR A 133 -1.18 12.81 15.33
N PRO A 134 -0.27 12.01 15.92
CA PRO A 134 1.17 12.17 15.76
C PRO A 134 1.62 12.09 14.29
N GLU A 135 2.83 12.59 14.00
CA GLU A 135 3.32 12.70 12.64
C GLU A 135 3.59 11.34 11.98
N ASN A 136 3.64 10.27 12.76
CA ASN A 136 3.94 8.96 12.18
C ASN A 136 2.68 8.22 11.73
N LEU A 137 1.54 8.92 11.65
CA LEU A 137 0.36 8.45 10.93
C LEU A 137 0.36 9.21 9.59
N PHE A 138 0.51 8.46 8.50
CA PHE A 138 0.46 9.04 7.16
C PHE A 138 -0.84 8.67 6.48
N PHE A 139 -1.25 9.52 5.51
CA PHE A 139 -2.46 9.31 4.73
C PHE A 139 -2.07 8.91 3.30
N GLU A 140 -2.90 8.06 2.66
CA GLU A 140 -2.59 7.66 1.29
C GLU A 140 -3.91 7.82 0.52
N ILE A 141 -3.94 8.75 -0.43
CA ILE A 141 -5.23 9.16 -0.98
C ILE A 141 -6.01 7.97 -1.58
N TYR A 142 -5.38 7.25 -2.50
CA TYR A 142 -6.13 6.16 -3.10
C TYR A 142 -5.17 5.07 -3.60
N ASN A 143 -5.52 3.81 -3.33
CA ASN A 143 -4.78 2.61 -3.73
C ASN A 143 -5.00 2.35 -5.24
N GLU A 144 -3.90 2.29 -6.01
CA GLU A 144 -3.92 1.72 -7.36
C GLU A 144 -5.02 2.34 -8.22
N PRO A 145 -4.93 3.64 -8.56
CA PRO A 145 -5.79 4.21 -9.61
C PRO A 145 -5.59 3.39 -10.89
N ALA A 146 -6.69 3.09 -11.55
CA ALA A 146 -6.66 2.26 -12.73
C ALA A 146 -8.03 2.33 -13.40
N GLN A 147 -8.20 1.56 -14.49
CA GLN A 147 -9.45 1.53 -15.20
C GLN A 147 -9.77 2.94 -15.71
N ASN A 148 -10.96 3.45 -15.44
CA ASN A 148 -11.34 4.76 -15.98
C ASN A 148 -10.68 5.91 -15.22
N LEU A 149 -10.22 5.62 -13.99
CA LEU A 149 -9.36 6.57 -13.31
C LEU A 149 -7.99 6.53 -13.95
N THR A 150 -7.90 7.17 -15.13
CA THR A 150 -6.69 7.22 -15.94
C THR A 150 -5.66 8.15 -15.31
N ALA A 151 -4.43 8.07 -15.83
CA ALA A 151 -3.33 8.90 -15.34
C ALA A 151 -3.75 10.38 -15.39
N GLU A 152 -4.42 10.73 -16.49
CA GLU A 152 -4.90 12.08 -16.76
C GLU A 152 -5.89 12.48 -15.66
N LYS A 153 -6.94 11.66 -15.46
CA LYS A 153 -7.98 11.92 -14.47
C LYS A 153 -7.45 11.88 -13.04
N TRP A 154 -6.40 11.07 -12.78
CA TRP A 154 -5.79 10.96 -11.46
C TRP A 154 -4.96 12.21 -11.14
N ASN A 155 -4.23 12.72 -12.15
CA ASN A 155 -3.45 13.95 -12.04
C ASN A 155 -4.36 15.12 -11.70
N GLU A 156 -5.65 15.01 -12.07
CA GLU A 156 -6.63 16.06 -11.84
C GLU A 156 -7.25 15.92 -10.44
N LEU A 157 -7.64 14.68 -10.10
CA LEU A 157 -8.35 14.39 -8.85
C LEU A 157 -7.45 14.50 -7.60
N TYR A 158 -6.25 13.91 -7.65
CA TYR A 158 -5.43 13.80 -6.45
C TYR A 158 -5.11 15.16 -5.83
N PRO A 159 -4.73 16.21 -6.61
CA PRO A 159 -4.46 17.54 -6.02
C PRO A 159 -5.66 18.14 -5.28
N LYS A 160 -6.87 17.80 -5.75
CA LYS A 160 -8.10 18.25 -5.12
C LYS A 160 -8.28 17.66 -3.74
N VAL A 161 -8.15 16.33 -3.65
CA VAL A 161 -8.14 15.65 -2.36
C VAL A 161 -7.04 16.24 -1.47
N LEU A 162 -5.84 16.44 -2.01
CA LEU A 162 -4.72 16.89 -1.19
C LEU A 162 -5.02 18.27 -0.62
N LYS A 163 -5.57 19.14 -1.48
CA LYS A 163 -5.95 20.48 -1.06
C LYS A 163 -6.78 20.38 0.22
N VAL A 164 -7.83 19.54 0.19
CA VAL A 164 -8.70 19.46 1.36
C VAL A 164 -8.02 18.80 2.56
N ILE A 165 -7.15 17.80 2.36
CA ILE A 165 -6.46 17.21 3.49
C ILE A 165 -5.61 18.30 4.15
N ARG A 166 -5.02 19.15 3.30
CA ARG A 166 -4.06 20.14 3.76
C ARG A 166 -4.75 21.24 4.58
N GLU A 167 -6.07 21.38 4.43
CA GLU A 167 -6.80 22.42 5.14
C GLU A 167 -6.74 22.13 6.64
N SER A 168 -6.88 20.84 6.99
CA SER A 168 -6.90 20.44 8.40
C SER A 168 -5.59 19.78 8.80
N ASN A 169 -4.82 19.28 7.81
CA ASN A 169 -3.50 18.70 8.10
C ASN A 169 -2.45 19.34 7.20
N PRO A 170 -1.93 20.54 7.56
CA PRO A 170 -1.02 21.25 6.68
C PRO A 170 0.32 20.57 6.38
N THR A 171 0.79 19.64 7.23
CA THR A 171 2.14 19.12 7.11
C THR A 171 2.23 17.59 7.13
N ARG A 172 1.10 16.89 7.23
CA ARG A 172 1.17 15.44 7.38
C ARG A 172 1.58 14.82 6.03
N ILE A 173 2.48 13.84 6.06
CA ILE A 173 2.86 13.11 4.84
C ILE A 173 1.61 12.54 4.18
N VAL A 174 1.56 12.68 2.84
CA VAL A 174 0.49 12.11 2.04
C VAL A 174 1.15 11.30 0.92
N ILE A 175 0.66 10.08 0.74
CA ILE A 175 1.29 9.18 -0.23
C ILE A 175 0.47 9.27 -1.51
N ILE A 176 1.14 9.50 -2.65
CA ILE A 176 0.44 9.58 -3.93
C ILE A 176 0.88 8.39 -4.77
N ASP A 177 -0.09 7.56 -5.12
CA ASP A 177 0.21 6.35 -5.86
C ASP A 177 0.38 6.72 -7.34
N ALA A 178 1.28 6.03 -8.04
CA ALA A 178 1.26 6.01 -9.50
C ALA A 178 -0.08 5.45 -10.03
N PRO A 179 -0.55 5.87 -11.24
CA PRO A 179 -1.78 5.30 -11.82
C PRO A 179 -1.44 3.95 -12.48
N ASN A 180 -2.38 3.39 -13.24
CA ASN A 180 -2.22 2.08 -13.89
C ASN A 180 -1.85 1.00 -12.87
N TRP A 181 -2.67 0.90 -11.81
CA TRP A 181 -2.50 -0.07 -10.72
C TRP A 181 -1.20 0.17 -9.96
N ALA A 182 -0.70 1.42 -9.93
CA ALA A 182 0.61 1.77 -9.38
C ALA A 182 1.76 0.93 -9.96
N HIS A 183 1.72 0.61 -11.27
CA HIS A 183 2.81 -0.02 -11.97
C HIS A 183 4.06 0.86 -11.95
N TYR A 184 5.24 0.23 -11.82
CA TYR A 184 6.51 0.93 -11.72
C TYR A 184 6.66 1.89 -12.90
N SER A 185 6.17 1.45 -14.08
CA SER A 185 6.33 2.21 -15.31
C SER A 185 5.53 3.51 -15.26
N ALA A 186 4.46 3.56 -14.44
CA ALA A 186 3.45 4.62 -14.48
C ALA A 186 3.90 5.88 -13.75
N VAL A 187 5.03 5.77 -13.05
CA VAL A 187 5.65 6.81 -12.25
C VAL A 187 5.91 8.05 -13.13
N ARG A 188 6.39 7.82 -14.36
CA ARG A 188 6.68 8.89 -15.31
C ARG A 188 5.41 9.60 -15.76
N SER A 189 4.24 8.96 -15.63
CA SER A 189 3.03 9.64 -16.09
C SER A 189 2.32 10.42 -14.97
N LEU A 190 3.00 10.61 -13.84
CA LEU A 190 2.41 11.31 -12.71
C LEU A 190 2.82 12.79 -12.76
N LYS A 191 1.85 13.70 -12.68
CA LYS A 191 2.15 15.12 -12.52
C LYS A 191 2.20 15.53 -11.04
N LEU A 192 3.40 15.80 -10.53
CA LEU A 192 3.61 16.13 -9.13
C LEU A 192 3.19 17.57 -8.83
N VAL A 193 2.50 17.78 -7.70
CA VAL A 193 2.17 19.12 -7.21
C VAL A 193 3.38 19.66 -6.45
N ASN A 194 3.36 20.95 -6.15
CA ASN A 194 4.43 21.52 -5.35
C ASN A 194 4.04 21.37 -3.88
N ASP A 195 4.49 20.27 -3.26
CA ASP A 195 4.19 19.96 -1.88
C ASP A 195 5.42 19.24 -1.32
N LYS A 196 5.92 19.71 -0.18
CA LYS A 196 7.15 19.12 0.32
C LYS A 196 6.85 17.97 1.28
N ARG A 197 5.58 17.55 1.35
CA ARG A 197 5.23 16.51 2.31
C ARG A 197 4.45 15.41 1.61
N ILE A 198 4.94 15.02 0.43
CA ILE A 198 4.36 13.90 -0.30
C ILE A 198 5.43 12.84 -0.54
N ILE A 199 4.93 11.60 -0.68
CA ILE A 199 5.75 10.46 -1.03
C ILE A 199 5.02 9.75 -2.17
N VAL A 200 5.77 9.41 -3.22
CA VAL A 200 5.14 8.76 -4.36
C VAL A 200 5.26 7.25 -4.15
N SER A 201 4.22 6.50 -4.54
CA SER A 201 4.28 5.06 -4.31
C SER A 201 4.09 4.26 -5.60
N PHE A 202 4.83 3.15 -5.74
CA PHE A 202 4.52 2.16 -6.77
C PHE A 202 4.35 0.79 -6.12
N HIS A 203 3.62 -0.11 -6.80
CA HIS A 203 3.54 -1.49 -6.34
C HIS A 203 4.27 -2.39 -7.35
N TYR A 204 4.91 -3.46 -6.87
CA TYR A 204 5.72 -4.25 -7.79
C TYR A 204 5.32 -5.71 -7.73
N TYR A 205 4.83 -6.23 -8.86
CA TYR A 205 4.46 -7.64 -8.98
C TYR A 205 5.06 -8.28 -10.25
N GLU A 206 6.20 -7.79 -10.77
CA GLU A 206 6.78 -8.35 -11.99
C GLU A 206 7.72 -9.51 -11.66
N PRO A 207 7.76 -10.63 -12.43
CA PRO A 207 6.85 -10.87 -13.55
C PRO A 207 5.45 -11.24 -13.04
N PHE A 208 4.41 -10.65 -13.66
CA PHE A 208 3.04 -10.89 -13.22
C PHE A 208 2.65 -12.36 -13.32
N ASN A 209 3.18 -13.08 -14.32
CA ASN A 209 2.82 -14.48 -14.52
C ASN A 209 3.33 -15.36 -13.40
N PHE A 210 4.38 -14.89 -12.71
CA PHE A 210 4.92 -15.58 -11.56
C PHE A 210 4.17 -15.17 -10.28
N THR A 211 4.13 -13.86 -9.97
CA THR A 211 3.57 -13.45 -8.67
C THR A 211 2.07 -13.70 -8.59
N HIS A 212 1.38 -13.80 -9.72
CA HIS A 212 -0.06 -13.97 -9.64
C HIS A 212 -0.55 -15.27 -10.27
N GLN A 213 0.34 -16.25 -10.42
CA GLN A 213 -0.05 -17.58 -10.91
C GLN A 213 -1.09 -18.17 -9.98
N GLY A 214 -2.15 -18.75 -10.57
CA GLY A 214 -3.23 -19.34 -9.78
C GLY A 214 -4.17 -18.33 -9.12
N ALA A 215 -4.02 -17.02 -9.37
CA ALA A 215 -4.83 -16.05 -8.63
C ALA A 215 -6.23 -15.96 -9.23
N GLU A 216 -7.25 -16.28 -8.43
CA GLU A 216 -8.60 -16.53 -8.92
C GLU A 216 -9.22 -15.21 -9.39
N TRP A 217 -8.80 -14.12 -8.72
CA TRP A 217 -9.37 -12.80 -8.88
C TRP A 217 -8.84 -12.09 -10.14
N VAL A 218 -7.94 -12.73 -10.88
CA VAL A 218 -7.40 -12.15 -12.11
C VAL A 218 -7.99 -12.95 -13.28
N ASN A 219 -8.34 -12.25 -14.37
CA ASN A 219 -9.05 -12.83 -15.50
C ASN A 219 -8.30 -12.59 -16.81
N PRO A 220 -7.71 -13.66 -17.40
CA PRO A 220 -7.90 -15.01 -16.88
C PRO A 220 -6.79 -15.34 -15.86
N THR A 221 -7.04 -16.36 -15.05
CA THR A 221 -6.07 -16.82 -14.06
C THR A 221 -4.82 -17.34 -14.77
N PRO A 222 -3.65 -16.71 -14.59
CA PRO A 222 -2.39 -17.30 -15.08
C PRO A 222 -2.18 -18.68 -14.48
N PRO A 223 -1.66 -19.65 -15.28
CA PRO A 223 -1.41 -21.00 -14.79
C PRO A 223 -0.32 -21.08 -13.73
N VAL A 224 -0.46 -22.08 -12.86
CA VAL A 224 0.44 -22.42 -11.77
C VAL A 224 1.70 -23.07 -12.35
N GLY A 225 2.72 -23.21 -11.52
CA GLY A 225 3.93 -23.94 -11.86
C GLY A 225 5.05 -23.05 -12.39
N VAL A 226 4.86 -21.71 -12.36
CA VAL A 226 5.85 -20.81 -12.91
C VAL A 226 6.94 -20.62 -11.85
N LYS A 227 8.20 -20.62 -12.31
CA LYS A 227 9.35 -20.55 -11.41
C LYS A 227 10.00 -19.18 -11.52
N TRP A 228 10.66 -18.80 -10.42
CA TRP A 228 11.52 -17.64 -10.45
C TRP A 228 12.80 -18.06 -9.74
N ASN A 229 13.89 -18.10 -10.51
CA ASN A 229 15.10 -18.83 -10.16
C ASN A 229 16.16 -17.94 -9.50
N GLY A 230 16.06 -16.62 -9.67
CA GLY A 230 17.07 -15.75 -9.09
C GLY A 230 18.36 -15.83 -9.90
N GLU A 231 18.21 -16.05 -11.20
CA GLU A 231 19.30 -15.91 -12.14
C GLU A 231 19.61 -14.45 -12.29
N GLU A 232 20.76 -14.19 -12.94
CA GLU A 232 21.30 -12.86 -13.08
C GLU A 232 20.41 -11.97 -13.95
N TRP A 233 19.89 -12.46 -15.09
CA TRP A 233 19.09 -11.62 -15.98
C TRP A 233 17.75 -11.30 -15.31
N GLU A 234 17.25 -12.23 -14.48
CA GLU A 234 16.00 -12.02 -13.75
C GLU A 234 16.16 -10.90 -12.71
N ILE A 235 17.26 -10.99 -11.95
CA ILE A 235 17.65 -9.97 -10.99
C ILE A 235 17.87 -8.67 -11.75
N ASN A 236 18.54 -8.72 -12.92
CA ASN A 236 18.78 -7.52 -13.71
C ASN A 236 17.49 -6.84 -14.14
N GLN A 237 16.45 -7.63 -14.43
CA GLN A 237 15.12 -7.13 -14.79
C GLN A 237 14.56 -6.26 -13.65
N ILE A 238 14.61 -6.76 -12.41
CA ILE A 238 14.11 -6.00 -11.27
C ILE A 238 14.87 -4.67 -11.16
N ARG A 239 16.22 -4.74 -11.28
CA ARG A 239 17.04 -3.54 -11.22
C ARG A 239 16.68 -2.51 -12.29
N SER A 240 16.40 -2.94 -13.52
CA SER A 240 15.97 -2.00 -14.55
C SER A 240 14.68 -1.30 -14.13
N HIS A 241 13.70 -2.07 -13.66
CA HIS A 241 12.46 -1.43 -13.28
C HIS A 241 12.71 -0.43 -12.14
N PHE A 242 13.56 -0.80 -11.19
CA PHE A 242 13.71 0.03 -10.00
C PHE A 242 14.62 1.22 -10.30
N LYS A 243 15.58 1.03 -11.21
CA LYS A 243 16.44 2.14 -11.64
C LYS A 243 15.61 3.18 -12.36
N TYR A 244 14.63 2.71 -13.13
CA TYR A 244 13.69 3.57 -13.86
C TYR A 244 12.90 4.46 -12.89
N VAL A 245 12.50 3.89 -11.74
CA VAL A 245 11.73 4.67 -10.77
C VAL A 245 12.68 5.64 -10.07
N SER A 246 13.85 5.15 -9.68
CA SER A 246 14.84 5.92 -8.95
C SER A 246 15.26 7.15 -9.74
N ASP A 247 15.57 6.93 -11.03
CA ASP A 247 16.02 7.98 -11.92
C ASP A 247 14.97 9.09 -11.97
N TRP A 248 13.71 8.70 -12.14
CA TRP A 248 12.60 9.64 -12.14
C TRP A 248 12.44 10.35 -10.79
N ALA A 249 12.57 9.59 -9.69
CA ALA A 249 12.34 10.17 -8.38
C ALA A 249 13.45 11.17 -8.01
N LYS A 250 14.70 10.83 -8.36
CA LYS A 250 15.82 11.72 -8.11
C LYS A 250 15.64 13.02 -8.91
N GLN A 251 15.20 12.90 -10.16
CA GLN A 251 15.01 14.09 -10.99
C GLN A 251 13.87 14.96 -10.45
N ASN A 252 12.88 14.35 -9.79
CA ASN A 252 11.75 15.13 -9.31
C ASN A 252 11.86 15.44 -7.82
N LYS A 253 12.95 14.98 -7.19
CA LYS A 253 13.23 15.25 -5.79
C LYS A 253 12.08 14.75 -4.91
N VAL A 254 11.78 13.45 -4.98
CA VAL A 254 10.62 12.92 -4.27
C VAL A 254 10.99 11.56 -3.70
N PRO A 255 10.54 11.19 -2.47
CA PRO A 255 10.85 9.88 -1.91
C PRO A 255 9.93 8.88 -2.58
N ILE A 256 10.35 7.61 -2.53
CA ILE A 256 9.60 6.48 -3.08
C ILE A 256 9.34 5.47 -1.96
N PHE A 257 8.08 5.02 -1.94
CA PHE A 257 7.56 3.92 -1.12
C PHE A 257 7.10 2.81 -2.04
N LEU A 258 7.75 1.63 -1.94
CA LEU A 258 7.25 0.47 -2.65
C LEU A 258 6.10 -0.05 -1.79
N GLY A 259 4.84 0.36 -2.10
CA GLY A 259 3.79 0.16 -1.11
C GLY A 259 3.18 -1.26 -1.09
N GLU A 260 3.40 -2.08 -2.14
CA GLU A 260 3.03 -3.49 -2.07
C GLU A 260 4.03 -4.26 -2.94
N PHE A 261 4.42 -5.45 -2.49
CA PHE A 261 5.05 -6.40 -3.40
C PHE A 261 4.92 -7.77 -2.76
N GLY A 262 4.77 -8.84 -3.55
CA GLY A 262 4.66 -10.18 -2.99
C GLY A 262 4.22 -11.15 -4.08
N ALA A 263 4.40 -12.45 -3.81
CA ALA A 263 4.12 -13.52 -4.73
C ALA A 263 3.12 -14.42 -4.04
N TYR A 264 2.07 -14.77 -4.77
CA TYR A 264 1.01 -15.57 -4.22
C TYR A 264 1.50 -16.96 -3.81
N SER A 265 0.87 -17.56 -2.79
CA SER A 265 1.33 -18.81 -2.19
C SER A 265 1.10 -20.01 -3.09
N LYS A 266 0.42 -19.82 -4.24
CA LYS A 266 0.37 -20.91 -5.21
C LYS A 266 1.70 -21.04 -5.95
N ALA A 267 2.53 -19.99 -5.93
CA ALA A 267 3.92 -20.11 -6.35
C ALA A 267 4.67 -21.04 -5.40
N ASP A 268 5.65 -21.80 -5.92
CA ASP A 268 6.46 -22.66 -5.06
C ASP A 268 7.27 -21.77 -4.12
N MET A 269 7.45 -22.24 -2.89
CA MET A 269 8.01 -21.43 -1.80
C MET A 269 9.43 -20.96 -2.13
N ASP A 270 10.26 -21.83 -2.70
CA ASP A 270 11.65 -21.49 -2.96
C ASP A 270 11.76 -20.26 -3.86
N SER A 271 10.95 -20.26 -4.94
CA SER A 271 10.87 -19.13 -5.85
C SER A 271 10.40 -17.87 -5.11
N ARG A 272 9.34 -18.04 -4.31
CA ARG A 272 8.79 -16.88 -3.59
C ARG A 272 9.89 -16.22 -2.75
N VAL A 273 10.58 -17.04 -1.96
CA VAL A 273 11.68 -16.57 -1.12
C VAL A 273 12.71 -15.78 -1.94
N LYS A 274 13.21 -16.36 -3.05
CA LYS A 274 14.22 -15.65 -3.82
C LYS A 274 13.69 -14.36 -4.44
N TRP A 275 12.49 -14.40 -5.03
CA TRP A 275 11.93 -13.19 -5.62
C TRP A 275 11.80 -12.10 -4.55
N THR A 276 11.22 -12.47 -3.43
CA THR A 276 10.90 -11.49 -2.37
C THR A 276 12.18 -10.86 -1.82
N GLU A 277 13.18 -11.68 -1.54
CA GLU A 277 14.47 -11.19 -1.08
C GLU A 277 15.10 -10.24 -2.10
N SER A 278 15.03 -10.63 -3.39
CA SER A 278 15.61 -9.81 -4.44
C SER A 278 14.92 -8.46 -4.58
N VAL A 279 13.57 -8.47 -4.62
CA VAL A 279 12.80 -7.24 -4.70
C VAL A 279 13.11 -6.35 -3.48
N ARG A 280 13.11 -6.96 -2.31
CA ARG A 280 13.35 -6.20 -1.08
C ARG A 280 14.75 -5.57 -1.08
N LYS A 281 15.77 -6.37 -1.41
CA LYS A 281 17.13 -5.83 -1.50
C LYS A 281 17.24 -4.75 -2.56
N MET A 282 16.45 -4.86 -3.64
CA MET A 282 16.50 -3.82 -4.66
C MET A 282 15.90 -2.52 -4.14
N ALA A 283 14.81 -2.62 -3.35
CA ALA A 283 14.21 -1.41 -2.79
C ALA A 283 15.21 -0.76 -1.84
N GLU A 284 15.91 -1.57 -1.03
CA GLU A 284 16.93 -1.07 -0.11
C GLU A 284 18.09 -0.40 -0.87
N GLU A 285 18.52 -1.04 -1.97
CA GLU A 285 19.60 -0.54 -2.79
C GLU A 285 19.26 0.86 -3.27
N PHE A 286 18.01 1.10 -3.70
CA PHE A 286 17.66 2.39 -4.28
C PHE A 286 17.02 3.33 -3.27
N GLY A 287 17.02 2.95 -2.00
CA GLY A 287 16.55 3.89 -0.99
C GLY A 287 15.03 4.00 -0.92
N PHE A 288 14.35 2.93 -1.35
CA PHE A 288 12.89 2.97 -1.37
C PHE A 288 12.41 2.35 -0.06
N SER A 289 11.43 2.96 0.63
CA SER A 289 10.82 2.25 1.75
C SER A 289 9.92 1.17 1.15
N TYR A 290 9.40 0.27 1.98
CA TYR A 290 8.58 -0.77 1.37
C TYR A 290 7.54 -1.31 2.35
N ALA A 291 6.50 -1.94 1.79
CA ALA A 291 5.52 -2.68 2.56
C ALA A 291 5.16 -3.95 1.81
N TYR A 292 5.49 -5.07 2.45
CA TYR A 292 5.24 -6.37 1.89
C TYR A 292 3.73 -6.63 1.78
N TRP A 293 3.31 -7.30 0.69
CA TRP A 293 1.93 -7.79 0.58
C TRP A 293 1.92 -9.30 0.72
N GLU A 294 1.37 -9.87 1.81
CA GLU A 294 0.82 -9.14 2.96
C GLU A 294 1.05 -10.00 4.21
N PHE A 295 0.52 -9.56 5.36
CA PHE A 295 0.89 -10.10 6.67
C PHE A 295 0.48 -11.57 6.84
N CYS A 296 -0.83 -11.90 6.73
CA CYS A 296 -1.24 -13.25 7.10
C CYS A 296 -2.27 -13.95 6.20
N ALA A 297 -2.50 -13.50 4.96
CA ALA A 297 -3.52 -14.18 4.15
C ALA A 297 -2.84 -14.96 3.01
N GLY A 298 -3.34 -14.88 1.77
CA GLY A 298 -2.86 -15.72 0.68
C GLY A 298 -1.41 -15.47 0.26
N PHE A 299 -0.85 -14.30 0.61
CA PHE A 299 0.55 -13.99 0.33
C PHE A 299 1.31 -13.91 1.65
N GLY A 300 0.73 -14.42 2.74
CA GLY A 300 1.15 -14.10 4.10
C GLY A 300 2.56 -14.58 4.50
N ILE A 301 3.19 -13.81 5.39
CA ILE A 301 4.43 -14.23 6.03
C ILE A 301 4.22 -14.67 7.48
N TYR A 302 2.95 -14.64 7.92
CA TYR A 302 2.59 -15.07 9.26
C TYR A 302 1.44 -16.08 9.19
N ASP A 303 1.58 -17.17 9.96
CA ASP A 303 0.63 -18.25 10.01
C ASP A 303 -0.18 -18.18 11.32
N ARG A 304 -1.45 -17.77 11.21
CA ARG A 304 -2.27 -17.53 12.37
C ARG A 304 -2.55 -18.85 13.10
N TRP A 305 -2.60 -19.96 12.35
CA TRP A 305 -2.91 -21.21 13.01
C TRP A 305 -1.74 -21.68 13.87
N SER A 306 -0.54 -21.71 13.30
CA SER A 306 0.66 -22.16 14.02
C SER A 306 1.19 -21.04 14.92
N GLN A 307 0.69 -19.81 14.71
CA GLN A 307 1.08 -18.66 15.50
C GLN A 307 2.58 -18.40 15.35
N ASN A 308 3.06 -18.48 14.13
CA ASN A 308 4.45 -18.13 13.91
C ASN A 308 4.66 -17.60 12.49
N TRP A 309 5.77 -16.88 12.31
CA TRP A 309 6.26 -16.45 11.02
C TRP A 309 6.58 -17.64 10.10
N ILE A 310 6.31 -17.44 8.81
CA ILE A 310 6.63 -18.37 7.74
C ILE A 310 8.06 -18.07 7.27
N GLU A 311 8.99 -19.02 7.51
CA GLU A 311 10.41 -18.79 7.31
C GLU A 311 10.86 -19.77 6.23
N PRO A 312 11.84 -19.42 5.36
CA PRO A 312 12.52 -18.14 5.43
C PRO A 312 11.85 -16.96 4.70
N LEU A 313 10.57 -17.06 4.34
CA LEU A 313 9.99 -15.93 3.61
C LEU A 313 9.97 -14.65 4.47
N ALA A 314 9.65 -14.76 5.75
CA ALA A 314 9.61 -13.58 6.60
C ALA A 314 10.97 -12.90 6.61
N THR A 315 12.07 -13.69 6.69
CA THR A 315 13.42 -13.13 6.68
C THR A 315 13.74 -12.45 5.36
N ALA A 316 13.25 -13.02 4.25
CA ALA A 316 13.35 -12.40 2.93
C ALA A 316 12.77 -10.98 2.98
N VAL A 317 11.70 -10.80 3.78
CA VAL A 317 11.06 -9.49 3.83
C VAL A 317 11.84 -8.53 4.74
N VAL A 318 12.14 -9.00 5.96
CA VAL A 318 12.69 -8.17 7.03
C VAL A 318 14.22 -7.98 6.88
N GLY A 319 14.95 -9.00 6.42
CA GLY A 319 16.39 -8.90 6.28
C GLY A 319 17.09 -8.90 7.64
N GLU A 320 18.24 -8.20 7.71
CA GLU A 320 19.07 -7.96 8.89
C GLU A 320 19.84 -9.24 9.27
#